data_2NQ7
#
_entry.id   2NQ7
#
_cell.length_a   47.317
_cell.length_b   77.442
_cell.length_c   47.221
_cell.angle_alpha   90.00
_cell.angle_beta   92.31
_cell.angle_gamma   90.00
#
_symmetry.space_group_name_H-M   'P 1 21 1'
#
loop_
_entity.id
_entity.type
_entity.pdbx_description
1 polymer 'Methionine aminopeptidase 1'
2 non-polymer 'COBALT (II) ION'
3 non-polymer 'POTASSIUM ION'
4 non-polymer 3-[(2,2-DIMETHYLPROPANOYL)AMINO]-N-1,3-THIAZOL-2-YLPYRIDINE-2-CARBOXAMIDE
5 non-polymer GLYCEROL
6 water water
#
_entity_poly.entity_id   1
_entity_poly.type   'polypeptide(L)'
_entity_poly.pdbx_seq_one_letter_code
;MGSSHHHHHHSSGLVPRGSHMLEDPYRYTGKLRPHYPLMPTRPVPSYIQRPDYADHPLGMSESEQALKGTSQIKLLSSED
IEGMRLVCRLAREVLDVAAGMIKPGVTTEEIDHAVHLACIARNCYPSPLNYYNFPKSCCTSVNEVICHGIPDRRPLQEGD
IVNVDITLYRNGYHGDLNETFFVGEVDDGARKLVQTTYECLMQAIDAVKPGVRYRELGNIIQKHAQANGFSVVRSYCGHG
IHKLFHTAPNVPHYAKNKAVGVMKSGHVFTIEPMICEGGWQDETWPDGWTAVTRDGKRSAQFEHTLLVTDTGCEILTRRL
DSARPHFMS
;
_entity_poly.pdbx_strand_id   A
#
# COMPACT_ATOMS: atom_id res chain seq x y z
N TYR A 26 -12.89 -22.59 -8.36
CA TYR A 26 -12.15 -21.39 -8.83
C TYR A 26 -10.93 -21.75 -9.66
N ARG A 27 -10.75 -21.05 -10.77
CA ARG A 27 -9.62 -21.28 -11.66
C ARG A 27 -8.54 -20.24 -11.40
N TYR A 28 -7.46 -20.65 -10.76
CA TYR A 28 -6.37 -19.73 -10.45
C TYR A 28 -5.74 -19.23 -11.76
N THR A 29 -5.24 -18.00 -11.73
CA THR A 29 -4.66 -17.38 -12.92
C THR A 29 -3.18 -17.64 -13.13
N GLY A 30 -2.50 -18.08 -12.07
CA GLY A 30 -1.08 -18.35 -12.18
C GLY A 30 -0.64 -19.54 -11.36
N LYS A 31 0.62 -19.54 -10.95
CA LYS A 31 1.18 -20.63 -10.16
C LYS A 31 0.94 -20.51 -8.65
N LEU A 32 0.63 -19.30 -8.18
CA LEU A 32 0.41 -19.08 -6.76
C LEU A 32 -0.92 -19.67 -6.25
N ARG A 33 -0.89 -20.18 -5.03
CA ARG A 33 -2.08 -20.76 -4.40
C ARG A 33 -2.06 -20.35 -2.93
N PRO A 34 -3.25 -20.23 -2.30
CA PRO A 34 -3.23 -19.85 -0.89
C PRO A 34 -2.74 -21.06 -0.09
N HIS A 35 -2.05 -20.80 1.01
CA HIS A 35 -1.52 -21.86 1.86
C HIS A 35 -2.13 -21.76 3.25
N TYR A 36 -3.22 -22.51 3.45
CA TYR A 36 -3.94 -22.54 4.73
C TYR A 36 -3.51 -23.74 5.57
N PRO A 37 -3.92 -23.78 6.86
CA PRO A 37 -4.77 -22.78 7.50
C PRO A 37 -3.91 -21.61 7.97
N LEU A 38 -4.54 -20.52 8.33
CA LEU A 38 -3.82 -19.37 8.83
C LEU A 38 -3.74 -19.55 10.34
N MET A 39 -2.65 -19.10 10.94
CA MET A 39 -2.51 -19.20 12.39
C MET A 39 -3.64 -18.39 13.00
N PRO A 40 -4.05 -18.72 14.23
CA PRO A 40 -5.13 -17.96 14.87
C PRO A 40 -4.87 -16.46 14.85
N THR A 41 -5.94 -15.68 14.71
CA THR A 41 -5.83 -14.22 14.67
C THR A 41 -4.95 -13.73 15.81
N ARG A 42 -4.01 -12.83 15.50
CA ARG A 42 -3.10 -12.31 16.51
C ARG A 42 -3.75 -11.16 17.28
N PRO A 43 -3.71 -11.22 18.62
CA PRO A 43 -4.31 -10.18 19.46
C PRO A 43 -3.45 -8.93 19.59
N VAL A 44 -4.11 -7.80 19.84
CA VAL A 44 -3.44 -6.53 20.05
C VAL A 44 -3.78 -6.13 21.47
N PRO A 45 -2.76 -5.96 22.34
CA PRO A 45 -2.98 -5.57 23.74
C PRO A 45 -3.98 -4.43 23.85
N SER A 46 -4.86 -4.51 24.85
CA SER A 46 -5.88 -3.49 25.03
C SER A 46 -5.37 -2.07 25.27
N TYR A 47 -4.10 -1.92 25.66
CA TYR A 47 -3.59 -0.57 25.91
C TYR A 47 -3.34 0.22 24.63
N ILE A 48 -3.31 -0.46 23.50
CA ILE A 48 -3.10 0.20 22.22
C ILE A 48 -4.45 0.71 21.71
N GLN A 49 -4.49 1.99 21.39
CA GLN A 49 -5.71 2.61 20.91
C GLN A 49 -6.13 1.94 19.61
N ARG A 50 -7.41 1.65 19.48
CA ARG A 50 -7.92 0.96 18.29
C ARG A 50 -8.84 1.83 17.43
N PRO A 51 -8.85 1.58 16.11
CA PRO A 51 -9.72 2.36 15.24
C PRO A 51 -11.14 1.84 15.43
N ASP A 52 -12.15 2.58 14.97
CA ASP A 52 -13.53 2.14 15.18
C ASP A 52 -13.89 0.77 14.63
N TYR A 53 -13.38 0.42 13.46
CA TYR A 53 -13.68 -0.88 12.85
C TYR A 53 -13.04 -2.08 13.56
N ALA A 54 -12.06 -1.83 14.41
CA ALA A 54 -11.35 -2.89 15.10
C ALA A 54 -12.27 -3.85 15.84
N ASP A 55 -13.33 -3.30 16.44
CA ASP A 55 -14.26 -4.11 17.20
C ASP A 55 -15.62 -4.29 16.55
N HIS A 56 -15.72 -3.98 15.27
CA HIS A 56 -16.98 -4.13 14.56
C HIS A 56 -17.00 -5.57 14.06
N PRO A 57 -18.15 -6.26 14.20
CA PRO A 57 -18.23 -7.64 13.74
C PRO A 57 -17.83 -7.89 12.28
N LEU A 58 -18.15 -6.95 11.40
CA LEU A 58 -17.80 -7.11 9.98
C LEU A 58 -16.64 -6.19 9.62
N GLY A 59 -16.00 -5.63 10.64
CA GLY A 59 -14.87 -4.74 10.41
C GLY A 59 -15.23 -3.46 9.68
N MET A 60 -16.48 -3.03 9.81
CA MET A 60 -16.92 -1.80 9.14
C MET A 60 -16.51 -0.56 9.91
N SER A 61 -16.22 0.51 9.17
CA SER A 61 -15.81 1.77 9.79
C SER A 61 -16.92 2.79 9.65
N GLU A 62 -17.63 3.05 10.74
CA GLU A 62 -18.72 4.02 10.70
C GLU A 62 -18.23 5.41 10.34
N SER A 63 -17.13 5.84 10.94
CA SER A 63 -16.60 7.17 10.64
C SER A 63 -16.27 7.29 9.16
N GLU A 64 -15.83 6.20 8.55
CA GLU A 64 -15.48 6.22 7.14
C GLU A 64 -16.71 6.22 6.23
N GLN A 65 -17.67 5.36 6.55
CA GLN A 65 -18.89 5.27 5.75
C GLN A 65 -19.70 6.54 5.86
N ALA A 66 -19.50 7.28 6.95
CA ALA A 66 -20.21 8.53 7.18
C ALA A 66 -19.75 9.60 6.21
N LEU A 67 -18.80 9.24 5.34
CA LEU A 67 -18.28 10.17 4.35
C LEU A 67 -18.19 9.53 2.98
N LYS A 68 -18.62 8.28 2.89
CA LYS A 68 -18.59 7.56 1.61
C LYS A 68 -19.38 8.34 0.56
N GLY A 69 -18.77 8.54 -0.61
CA GLY A 69 -19.45 9.25 -1.67
C GLY A 69 -19.11 10.73 -1.73
N THR A 70 -18.65 11.29 -0.61
CA THR A 70 -18.29 12.71 -0.56
C THR A 70 -16.95 12.90 -1.25
N SER A 71 -16.83 14.00 -2.00
CA SER A 71 -15.59 14.29 -2.71
C SER A 71 -14.80 15.43 -2.08
N GLN A 72 -15.30 15.93 -0.95
CA GLN A 72 -14.62 17.02 -0.25
C GLN A 72 -13.36 16.49 0.42
N ILE A 73 -12.28 17.28 0.37
CA ILE A 73 -11.01 16.87 0.96
C ILE A 73 -10.63 17.66 2.19
N LYS A 74 -10.29 16.96 3.27
CA LYS A 74 -9.89 17.59 4.51
C LYS A 74 -8.61 18.41 4.36
N LEU A 75 -8.54 19.49 5.13
CA LEU A 75 -7.37 20.35 5.16
C LEU A 75 -6.83 20.19 6.57
N LEU A 76 -5.77 19.39 6.73
CA LEU A 76 -5.21 19.14 8.05
C LEU A 76 -4.70 20.39 8.78
N SER A 77 -4.79 20.33 10.10
CA SER A 77 -4.34 21.42 10.95
C SER A 77 -2.94 21.06 11.45
N SER A 78 -2.29 22.01 12.12
CA SER A 78 -0.95 21.78 12.64
C SER A 78 -0.94 20.53 13.52
N GLU A 79 -2.02 20.33 14.26
CA GLU A 79 -2.13 19.18 15.15
C GLU A 79 -2.22 17.88 14.34
N ASP A 80 -2.98 17.92 13.25
CA ASP A 80 -3.16 16.75 12.38
C ASP A 80 -1.84 16.40 11.68
N ILE A 81 -1.13 17.42 11.23
CA ILE A 81 0.14 17.23 10.53
C ILE A 81 1.18 16.59 11.42
N GLU A 82 1.28 17.03 12.66
CA GLU A 82 2.25 16.44 13.56
C GLU A 82 1.84 14.99 13.84
N GLY A 83 0.55 14.75 13.85
CA GLY A 83 0.04 13.41 14.08
C GLY A 83 0.37 12.51 12.91
N MET A 84 0.26 13.06 11.69
CA MET A 84 0.54 12.28 10.50
C MET A 84 2.05 12.04 10.35
N ARG A 85 2.86 13.05 10.69
CA ARG A 85 4.31 12.88 10.59
C ARG A 85 4.77 11.76 11.50
N LEU A 86 4.18 11.67 12.69
CA LEU A 86 4.57 10.64 13.63
C LEU A 86 4.18 9.23 13.18
N VAL A 87 2.90 9.02 12.84
CA VAL A 87 2.47 7.68 12.45
C VAL A 87 3.14 7.23 11.17
N CYS A 88 3.39 8.16 10.26
CA CYS A 88 4.03 7.82 9.00
C CYS A 88 5.49 7.42 9.24
N ARG A 89 6.15 8.08 10.19
CA ARG A 89 7.54 7.73 10.51
C ARG A 89 7.58 6.33 11.12
N LEU A 90 6.63 6.03 12.00
CA LEU A 90 6.56 4.72 12.63
C LEU A 90 6.26 3.63 11.61
N ALA A 91 5.40 3.94 10.65
CA ALA A 91 5.05 2.98 9.62
C ALA A 91 6.29 2.64 8.79
N ARG A 92 7.10 3.64 8.49
CA ARG A 92 8.32 3.39 7.72
C ARG A 92 9.22 2.46 8.55
N GLU A 93 9.32 2.71 9.85
CA GLU A 93 10.15 1.84 10.68
C GLU A 93 9.69 0.38 10.57
N VAL A 94 8.38 0.16 10.56
CA VAL A 94 7.85 -1.20 10.48
C VAL A 94 8.08 -1.82 9.10
N LEU A 95 7.98 -1.03 8.03
CA LEU A 95 8.25 -1.62 6.72
C LEU A 95 9.71 -2.07 6.67
N ASP A 96 10.60 -1.26 7.23
CA ASP A 96 12.01 -1.60 7.22
C ASP A 96 12.26 -2.90 7.97
N VAL A 97 11.46 -3.16 9.01
CA VAL A 97 11.60 -4.41 9.75
C VAL A 97 11.25 -5.56 8.80
N ALA A 98 10.15 -5.42 8.08
CA ALA A 98 9.72 -6.46 7.15
C ALA A 98 10.76 -6.67 6.05
N ALA A 99 11.32 -5.57 5.56
CA ALA A 99 12.31 -5.61 4.49
C ALA A 99 13.51 -6.48 4.86
N GLY A 100 13.91 -6.40 6.13
CA GLY A 100 15.05 -7.18 6.58
C GLY A 100 14.81 -8.67 6.67
N MET A 101 13.55 -9.08 6.51
CA MET A 101 13.20 -10.50 6.59
C MET A 101 12.98 -11.18 5.25
N ILE A 102 13.01 -10.40 4.17
CA ILE A 102 12.80 -10.96 2.85
C ILE A 102 13.98 -11.84 2.44
N LYS A 103 13.69 -13.11 2.21
CA LYS A 103 14.71 -14.08 1.80
C LYS A 103 14.04 -15.42 1.53
N PRO A 104 14.65 -16.25 0.68
CA PRO A 104 14.06 -17.55 0.38
C PRO A 104 13.76 -18.36 1.64
N GLY A 105 12.62 -19.05 1.67
CA GLY A 105 12.29 -19.87 2.80
C GLY A 105 11.38 -19.25 3.86
N VAL A 106 11.41 -17.93 3.97
CA VAL A 106 10.57 -17.25 4.94
C VAL A 106 9.13 -17.18 4.40
N THR A 107 8.16 -17.47 5.25
CA THR A 107 6.76 -17.43 4.82
C THR A 107 6.23 -16.02 5.05
N THR A 108 5.21 -15.65 4.30
CA THR A 108 4.64 -14.33 4.46
C THR A 108 3.97 -14.19 5.82
N GLU A 109 3.53 -15.33 6.39
CA GLU A 109 2.91 -15.31 7.71
C GLU A 109 3.97 -14.93 8.77
N GLU A 110 5.21 -15.36 8.57
CA GLU A 110 6.29 -15.02 9.50
C GLU A 110 6.53 -13.52 9.43
N ILE A 111 6.50 -12.97 8.23
CA ILE A 111 6.69 -11.54 8.03
C ILE A 111 5.60 -10.78 8.77
N ASP A 112 4.37 -11.23 8.59
CA ASP A 112 3.23 -10.59 9.24
C ASP A 112 3.35 -10.61 10.76
N HIS A 113 3.86 -11.73 11.31
CA HIS A 113 4.01 -11.86 12.75
C HIS A 113 4.96 -10.77 13.26
N ALA A 114 6.09 -10.63 12.58
CA ALA A 114 7.08 -9.62 12.95
C ALA A 114 6.51 -8.22 12.80
N VAL A 115 5.76 -8.00 11.73
CA VAL A 115 5.15 -6.68 11.51
C VAL A 115 4.17 -6.39 12.64
N HIS A 116 3.39 -7.40 13.01
CA HIS A 116 2.40 -7.27 14.07
C HIS A 116 3.10 -6.86 15.36
N LEU A 117 4.17 -7.57 15.71
CA LEU A 117 4.90 -7.25 16.93
C LEU A 117 5.56 -5.87 16.88
N ALA A 118 6.08 -5.50 15.71
CA ALA A 118 6.74 -4.20 15.54
C ALA A 118 5.75 -3.05 15.72
N CYS A 119 4.51 -3.25 15.28
CA CYS A 119 3.48 -2.23 15.44
C CYS A 119 3.22 -2.06 16.92
N ILE A 120 3.04 -3.19 17.60
CA ILE A 120 2.75 -3.18 19.03
C ILE A 120 3.88 -2.50 19.82
N ALA A 121 5.12 -2.83 19.49
CA ALA A 121 6.28 -2.25 20.16
C ALA A 121 6.30 -0.73 20.02
N ARG A 122 5.64 -0.22 18.99
CA ARG A 122 5.61 1.21 18.75
C ARG A 122 4.29 1.83 19.18
N ASN A 123 3.54 1.07 19.99
CA ASN A 123 2.25 1.54 20.50
C ASN A 123 1.29 1.94 19.40
N CYS A 124 1.29 1.15 18.33
CA CYS A 124 0.40 1.40 17.21
C CYS A 124 -0.44 0.17 16.93
N TYR A 125 -1.62 0.41 16.35
CA TYR A 125 -2.50 -0.66 15.96
C TYR A 125 -2.23 -0.91 14.47
N PRO A 126 -2.16 -2.18 14.04
CA PRO A 126 -1.92 -2.48 12.63
C PRO A 126 -3.25 -2.27 11.89
N SER A 127 -3.37 -1.15 11.20
CA SER A 127 -4.60 -0.78 10.49
C SER A 127 -5.32 -1.86 9.68
N PRO A 128 -4.58 -2.74 8.98
CA PRO A 128 -5.27 -3.78 8.19
C PRO A 128 -6.04 -4.81 9.01
N LEU A 129 -5.65 -4.98 10.27
CA LEU A 129 -6.26 -5.98 11.13
C LEU A 129 -7.75 -5.75 11.38
N ASN A 130 -8.55 -6.65 10.80
CA ASN A 130 -10.01 -6.64 10.85
C ASN A 130 -10.64 -5.49 10.08
N TYR A 131 -9.88 -4.82 9.22
CA TYR A 131 -10.45 -3.74 8.41
C TYR A 131 -11.35 -4.49 7.42
N TYR A 132 -12.66 -4.33 7.57
CA TYR A 132 -13.63 -5.04 6.75
C TYR A 132 -13.30 -6.54 6.78
N ASN A 133 -12.93 -6.98 7.99
CA ASN A 133 -12.59 -8.35 8.29
C ASN A 133 -11.31 -8.93 7.67
N PHE A 134 -10.45 -8.06 7.15
CA PHE A 134 -9.17 -8.52 6.62
C PHE A 134 -8.55 -9.26 7.83
N PRO A 135 -8.07 -10.49 7.63
CA PRO A 135 -7.49 -11.31 8.71
C PRO A 135 -6.10 -11.07 9.27
N LYS A 136 -5.29 -10.30 8.59
CA LYS A 136 -3.91 -10.11 9.05
C LYS A 136 -3.54 -8.66 9.33
N SER A 137 -2.27 -8.44 9.69
CA SER A 137 -1.80 -7.12 10.05
C SER A 137 -1.09 -6.32 8.97
N CYS A 138 -0.93 -6.92 7.78
CA CYS A 138 -0.30 -6.25 6.65
C CYS A 138 -0.67 -7.07 5.43
N CYS A 139 -0.41 -6.53 4.24
CA CYS A 139 -0.69 -7.27 3.01
C CYS A 139 0.63 -7.69 2.38
N THR A 140 0.72 -8.96 1.98
CA THR A 140 1.92 -9.48 1.33
C THR A 140 1.49 -10.01 -0.03
N SER A 141 1.95 -9.33 -1.08
CA SER A 141 1.56 -9.66 -2.45
C SER A 141 2.70 -10.16 -3.31
N VAL A 142 2.71 -11.48 -3.53
CA VAL A 142 3.74 -12.14 -4.31
C VAL A 142 3.38 -12.27 -5.80
N ASN A 143 4.37 -12.05 -6.65
CA ASN A 143 4.24 -12.16 -8.11
C ASN A 143 2.96 -11.64 -8.75
N GLU A 144 2.07 -12.54 -9.21
CA GLU A 144 0.82 -12.13 -9.87
C GLU A 144 -0.21 -11.47 -8.95
N VAL A 145 0.06 -11.43 -7.65
CA VAL A 145 -0.86 -10.77 -6.74
C VAL A 145 -0.62 -9.27 -6.87
N ILE A 146 -1.66 -8.56 -7.30
CA ILE A 146 -1.61 -7.11 -7.48
C ILE A 146 -1.55 -6.41 -6.13
N CYS A 147 -2.42 -6.82 -5.24
CA CYS A 147 -2.47 -6.23 -3.90
C CYS A 147 -3.38 -7.03 -2.97
N HIS A 148 -3.35 -6.69 -1.69
CA HIS A 148 -4.19 -7.32 -0.69
C HIS A 148 -3.98 -8.82 -0.48
N GLY A 149 -2.77 -9.29 -0.77
CA GLY A 149 -2.45 -10.69 -0.53
C GLY A 149 -2.48 -10.91 0.97
N ILE A 150 -3.01 -12.05 1.39
CA ILE A 150 -3.11 -12.37 2.81
C ILE A 150 -1.92 -13.24 3.24
N PRO A 151 -1.14 -12.75 4.22
CA PRO A 151 0.03 -13.49 4.72
C PRO A 151 -0.38 -14.93 5.05
N ASP A 152 0.34 -15.90 4.51
CA ASP A 152 0.01 -17.30 4.77
C ASP A 152 1.23 -18.21 4.95
N ARG A 153 1.01 -19.52 4.86
CA ARG A 153 2.10 -20.47 5.07
C ARG A 153 3.07 -20.73 3.91
N ARG A 154 2.90 -20.02 2.80
CA ARG A 154 3.81 -20.23 1.66
C ARG A 154 5.20 -19.64 1.86
N PRO A 155 6.25 -20.47 1.75
CA PRO A 155 7.60 -19.95 1.92
C PRO A 155 7.98 -19.14 0.68
N LEU A 156 8.65 -18.01 0.86
CA LEU A 156 9.07 -17.20 -0.29
C LEU A 156 10.08 -18.02 -1.08
N GLN A 157 9.99 -17.95 -2.40
CA GLN A 157 10.87 -18.68 -3.28
C GLN A 157 11.85 -17.80 -4.04
N GLU A 158 13.05 -18.31 -4.26
CA GLU A 158 14.08 -17.60 -5.00
C GLU A 158 13.49 -17.15 -6.34
N GLY A 159 13.67 -15.89 -6.68
CA GLY A 159 13.14 -15.39 -7.93
C GLY A 159 11.82 -14.65 -7.81
N ASP A 160 11.14 -14.82 -6.68
CA ASP A 160 9.86 -14.15 -6.46
C ASP A 160 10.09 -12.67 -6.18
N ILE A 161 9.04 -11.88 -6.38
CA ILE A 161 9.07 -10.47 -6.02
C ILE A 161 7.88 -10.40 -5.07
N VAL A 162 8.01 -9.60 -4.02
CA VAL A 162 6.93 -9.52 -3.07
C VAL A 162 6.77 -8.11 -2.51
N ASN A 163 5.53 -7.66 -2.49
CA ASN A 163 5.23 -6.34 -1.96
C ASN A 163 4.69 -6.50 -0.54
N VAL A 164 5.13 -5.65 0.36
CA VAL A 164 4.61 -5.65 1.73
C VAL A 164 4.01 -4.25 1.88
N ASP A 165 2.72 -4.20 2.20
CA ASP A 165 1.99 -2.94 2.38
C ASP A 165 1.68 -2.84 3.87
N ILE A 166 2.16 -1.75 4.44
CA ILE A 166 2.06 -1.44 5.86
C ILE A 166 1.19 -0.22 6.14
N THR A 167 0.32 -0.34 7.14
CA THR A 167 -0.45 0.82 7.58
C THR A 167 -0.59 0.73 9.09
N LEU A 168 -0.21 1.81 9.77
CA LEU A 168 -0.27 1.87 11.22
C LEU A 168 -1.25 2.95 11.67
N TYR A 169 -1.80 2.76 12.87
CA TYR A 169 -2.76 3.68 13.45
C TYR A 169 -2.27 4.12 14.82
N ARG A 170 -2.12 5.43 15.00
CA ARG A 170 -1.65 5.97 16.28
C ARG A 170 -2.31 7.29 16.62
N ASN A 171 -2.89 7.36 17.81
CA ASN A 171 -3.52 8.60 18.28
C ASN A 171 -4.52 9.14 17.27
N GLY A 172 -5.25 8.25 16.61
CA GLY A 172 -6.27 8.67 15.67
C GLY A 172 -5.84 8.91 14.23
N TYR A 173 -4.59 8.62 13.89
CA TYR A 173 -4.10 8.83 12.53
C TYR A 173 -3.51 7.58 11.91
N HIS A 174 -3.70 7.42 10.60
CA HIS A 174 -3.17 6.27 9.86
C HIS A 174 -1.98 6.70 8.98
N GLY A 175 -0.95 5.85 8.90
CA GLY A 175 0.23 6.11 8.08
C GLY A 175 0.36 4.91 7.16
N ASP A 176 0.52 5.14 5.85
CA ASP A 176 0.48 4.07 4.85
C ASP A 176 1.62 4.08 3.82
N LEU A 177 2.27 2.94 3.63
CA LEU A 177 3.33 2.86 2.62
C LEU A 177 3.59 1.40 2.22
N ASN A 178 4.22 1.22 1.07
CA ASN A 178 4.56 -0.13 0.65
C ASN A 178 5.73 -0.11 -0.33
N GLU A 179 6.42 -1.24 -0.43
CA GLU A 179 7.54 -1.40 -1.35
C GLU A 179 7.52 -2.83 -1.87
N THR A 180 8.05 -3.03 -3.07
CA THR A 180 8.18 -4.36 -3.63
C THR A 180 9.65 -4.74 -3.46
N PHE A 181 9.87 -5.99 -3.05
CA PHE A 181 11.21 -6.51 -2.78
C PHE A 181 11.54 -7.69 -3.68
N PHE A 182 12.85 -7.97 -3.83
CA PHE A 182 13.31 -9.11 -4.61
C PHE A 182 13.65 -10.20 -3.60
N VAL A 183 13.35 -11.45 -3.95
CA VAL A 183 13.67 -12.57 -3.08
C VAL A 183 14.85 -13.28 -3.73
N GLY A 184 16.04 -13.01 -3.22
CA GLY A 184 17.23 -13.60 -3.81
C GLY A 184 17.42 -12.98 -5.18
N GLU A 185 17.98 -13.74 -6.12
CA GLU A 185 18.19 -13.22 -7.46
C GLU A 185 16.93 -13.38 -8.29
N VAL A 186 16.60 -12.34 -9.05
CA VAL A 186 15.41 -12.37 -9.90
C VAL A 186 15.83 -12.13 -11.34
N ASP A 187 14.96 -12.48 -12.28
CA ASP A 187 15.25 -12.29 -13.69
C ASP A 187 15.16 -10.83 -14.12
N ASP A 188 15.70 -10.53 -15.29
CA ASP A 188 15.70 -9.17 -15.82
C ASP A 188 14.30 -8.57 -15.90
N GLY A 189 13.32 -9.38 -16.25
CA GLY A 189 11.96 -8.89 -16.35
C GLY A 189 11.46 -8.35 -15.02
N ALA A 190 11.79 -9.06 -13.95
CA ALA A 190 11.38 -8.65 -12.61
C ALA A 190 12.09 -7.36 -12.23
N ARG A 191 13.37 -7.27 -12.56
CA ARG A 191 14.14 -6.06 -12.24
C ARG A 191 13.54 -4.86 -12.94
N LYS A 192 13.22 -5.03 -14.23
CA LYS A 192 12.65 -3.94 -15.02
C LYS A 192 11.27 -3.52 -14.52
N LEU A 193 10.44 -4.49 -14.16
CA LEU A 193 9.10 -4.20 -13.68
C LEU A 193 9.18 -3.40 -12.38
N VAL A 194 9.96 -3.91 -11.43
CA VAL A 194 10.09 -3.24 -10.14
C VAL A 194 10.70 -1.85 -10.30
N GLN A 195 11.75 -1.74 -11.11
CA GLN A 195 12.38 -0.44 -11.32
C GLN A 195 11.43 0.58 -11.94
N THR A 196 10.70 0.15 -12.97
CA THR A 196 9.76 1.04 -13.65
C THR A 196 8.64 1.49 -12.72
N THR A 197 8.14 0.57 -11.89
CA THR A 197 7.06 0.90 -10.97
C THR A 197 7.51 1.99 -10.00
N TYR A 198 8.73 1.86 -9.47
CA TYR A 198 9.24 2.88 -8.56
C TYR A 198 9.39 4.22 -9.28
N GLU A 199 9.86 4.18 -10.52
CA GLU A 199 10.02 5.41 -11.31
C GLU A 199 8.66 6.06 -11.56
N CYS A 200 7.62 5.24 -11.77
CA CYS A 200 6.27 5.78 -11.96
C CYS A 200 5.84 6.54 -10.73
N LEU A 201 6.09 5.95 -9.57
CA LEU A 201 5.71 6.58 -8.33
C LEU A 201 6.46 7.91 -8.15
N MET A 202 7.77 7.89 -8.32
CA MET A 202 8.54 9.11 -8.14
C MET A 202 8.21 10.21 -9.13
N GLN A 203 7.84 9.85 -10.36
CA GLN A 203 7.51 10.87 -11.34
C GLN A 203 6.19 11.54 -10.94
N ALA A 204 5.27 10.75 -10.40
CA ALA A 204 3.98 11.27 -9.96
C ALA A 204 4.19 12.19 -8.76
N ILE A 205 4.98 11.74 -7.79
CA ILE A 205 5.27 12.54 -6.61
C ILE A 205 5.91 13.87 -7.00
N ASP A 206 6.76 13.84 -8.02
CA ASP A 206 7.45 15.03 -8.48
C ASP A 206 6.52 16.10 -9.01
N ALA A 207 5.35 15.70 -9.47
CA ALA A 207 4.36 16.64 -10.00
C ALA A 207 3.42 17.21 -8.93
N VAL A 208 3.47 16.66 -7.72
CA VAL A 208 2.58 17.13 -6.65
C VAL A 208 2.90 18.50 -6.07
N LYS A 209 1.93 19.40 -6.11
CA LYS A 209 2.05 20.75 -5.58
C LYS A 209 0.68 21.40 -5.70
N PRO A 210 0.42 22.45 -4.91
CA PRO A 210 -0.87 23.13 -4.96
C PRO A 210 -1.28 23.53 -6.37
N GLY A 211 -2.55 23.33 -6.71
CA GLY A 211 -3.03 23.70 -8.03
C GLY A 211 -3.10 22.60 -9.06
N VAL A 212 -2.40 21.49 -8.82
CA VAL A 212 -2.41 20.38 -9.76
C VAL A 212 -3.65 19.50 -9.55
N ARG A 213 -4.28 19.08 -10.64
CA ARG A 213 -5.46 18.24 -10.54
C ARG A 213 -5.04 16.81 -10.21
N TYR A 214 -5.80 16.16 -9.33
CA TYR A 214 -5.49 14.79 -8.96
C TYR A 214 -5.53 13.85 -10.15
N ARG A 215 -6.37 14.16 -11.13
CA ARG A 215 -6.48 13.30 -12.31
C ARG A 215 -5.22 13.32 -13.18
N GLU A 216 -4.34 14.28 -12.94
CA GLU A 216 -3.11 14.40 -13.72
C GLU A 216 -2.06 13.32 -13.44
N LEU A 217 -1.99 12.87 -12.19
CA LEU A 217 -1.01 11.86 -11.80
C LEU A 217 -1.10 10.60 -12.66
N GLY A 218 -2.32 10.17 -12.95
CA GLY A 218 -2.53 8.99 -13.77
C GLY A 218 -1.94 9.13 -15.16
N ASN A 219 -1.99 10.34 -15.71
CA ASN A 219 -1.42 10.55 -17.04
C ASN A 219 0.08 10.33 -17.00
N ILE A 220 0.72 10.85 -15.95
CA ILE A 220 2.16 10.71 -15.78
C ILE A 220 2.57 9.25 -15.60
N ILE A 221 1.85 8.55 -14.73
CA ILE A 221 2.16 7.16 -14.45
C ILE A 221 2.01 6.24 -15.66
N GLN A 222 0.86 6.29 -16.32
CA GLN A 222 0.64 5.42 -17.47
C GLN A 222 1.64 5.71 -18.60
N LYS A 223 1.95 6.98 -18.79
CA LYS A 223 2.89 7.36 -19.83
C LYS A 223 4.21 6.63 -19.67
N HIS A 224 4.74 6.59 -18.45
CA HIS A 224 6.00 5.91 -18.20
C HIS A 224 5.87 4.39 -18.23
N ALA A 225 4.78 3.87 -17.69
CA ALA A 225 4.56 2.43 -17.66
C ALA A 225 4.41 1.90 -19.09
N GLN A 226 3.57 2.57 -19.85
CA GLN A 226 3.32 2.19 -21.23
C GLN A 226 4.60 2.24 -22.05
N ALA A 227 5.43 3.24 -21.76
CA ALA A 227 6.68 3.42 -22.49
C ALA A 227 7.64 2.24 -22.25
N ASN A 228 7.42 1.51 -21.17
CA ASN A 228 8.27 0.37 -20.85
C ASN A 228 7.60 -0.97 -21.06
N GLY A 229 6.48 -0.97 -21.77
CA GLY A 229 5.78 -2.21 -22.08
C GLY A 229 4.90 -2.77 -20.99
N PHE A 230 4.58 -1.95 -19.98
CA PHE A 230 3.75 -2.41 -18.87
C PHE A 230 2.38 -1.75 -18.84
N SER A 231 1.44 -2.34 -18.10
CA SER A 231 0.10 -1.80 -17.98
C SER A 231 -0.18 -1.32 -16.55
N VAL A 232 -1.21 -0.49 -16.40
CA VAL A 232 -1.58 0.09 -15.11
C VAL A 232 -2.92 -0.46 -14.61
N VAL A 233 -2.92 -0.97 -13.37
CA VAL A 233 -4.12 -1.51 -12.78
C VAL A 233 -5.14 -0.39 -12.63
N ARG A 234 -6.40 -0.68 -12.95
CA ARG A 234 -7.46 0.31 -12.88
C ARG A 234 -8.45 0.18 -11.73
N SER A 235 -8.55 -1.02 -11.15
CA SER A 235 -9.52 -1.25 -10.08
C SER A 235 -9.18 -0.72 -8.70
N TYR A 236 -7.91 -0.39 -8.47
CA TYR A 236 -7.50 0.12 -7.16
C TYR A 236 -6.77 1.45 -7.38
N CYS A 237 -7.03 2.40 -6.49
CA CYS A 237 -6.45 3.74 -6.60
C CYS A 237 -5.81 4.26 -5.33
N GLY A 238 -5.09 5.38 -5.46
CA GLY A 238 -4.48 6.03 -4.32
C GLY A 238 -5.63 6.60 -3.53
N HIS A 239 -5.39 7.10 -2.32
CA HIS A 239 -6.49 7.59 -1.51
C HIS A 239 -6.09 8.57 -0.43
N GLY A 240 -7.06 9.37 -0.01
CA GLY A 240 -6.81 10.28 1.07
C GLY A 240 -6.66 9.41 2.30
N ILE A 241 -5.94 9.93 3.29
CA ILE A 241 -5.71 9.21 4.51
C ILE A 241 -5.31 10.17 5.61
N HIS A 242 -5.83 9.93 6.80
CA HIS A 242 -5.52 10.74 7.97
C HIS A 242 -6.25 10.14 9.16
N LYS A 243 -7.40 10.69 9.54
CA LYS A 243 -8.16 10.12 10.65
C LYS A 243 -8.88 8.87 10.14
N LEU A 244 -8.96 8.77 8.81
CA LEU A 244 -9.59 7.64 8.15
C LEU A 244 -8.50 6.90 7.36
N PHE A 245 -8.69 5.60 7.15
CA PHE A 245 -7.74 4.78 6.41
C PHE A 245 -7.85 5.11 4.92
N HIS A 246 -9.07 5.06 4.39
CA HIS A 246 -9.32 5.39 2.99
C HIS A 246 -10.44 6.41 2.90
N THR A 247 -10.17 7.54 2.27
CA THR A 247 -11.18 8.58 2.14
C THR A 247 -10.81 9.46 0.95
N ALA A 248 -11.60 10.50 0.69
CA ALA A 248 -11.33 11.41 -0.43
C ALA A 248 -9.95 12.05 -0.27
N PRO A 249 -9.25 12.27 -1.40
CA PRO A 249 -9.62 11.98 -2.78
C PRO A 249 -9.24 10.60 -3.28
N ASN A 250 -9.93 10.15 -4.32
CA ASN A 250 -9.64 8.88 -4.95
C ASN A 250 -8.60 9.27 -5.99
N VAL A 251 -7.50 8.53 -6.09
CA VAL A 251 -6.45 8.87 -7.02
C VAL A 251 -6.08 7.75 -7.99
N PRO A 252 -6.70 7.72 -9.17
CA PRO A 252 -6.42 6.68 -10.17
C PRO A 252 -4.99 6.80 -10.69
N HIS A 253 -4.41 5.69 -11.11
CA HIS A 253 -3.04 5.69 -11.60
C HIS A 253 -2.93 5.59 -13.12
N TYR A 254 -4.07 5.52 -13.81
CA TYR A 254 -4.10 5.39 -15.27
C TYR A 254 -4.48 6.69 -15.96
N ALA A 255 -4.19 6.77 -17.25
CA ALA A 255 -4.46 7.97 -18.04
C ALA A 255 -5.93 8.31 -18.27
N LYS A 256 -6.18 9.60 -18.45
CA LYS A 256 -7.52 10.11 -18.70
C LYS A 256 -8.57 9.54 -17.76
N ASN A 257 -8.44 9.85 -16.48
CA ASN A 257 -9.40 9.38 -15.49
C ASN A 257 -10.28 10.53 -15.04
N LYS A 258 -11.36 10.23 -14.33
CA LYS A 258 -12.28 11.28 -13.88
C LYS A 258 -12.07 11.71 -12.43
N ALA A 259 -10.86 11.57 -11.92
CA ALA A 259 -10.59 11.94 -10.54
C ALA A 259 -11.06 13.36 -10.27
N VAL A 260 -11.75 13.55 -9.15
CA VAL A 260 -12.28 14.86 -8.79
C VAL A 260 -11.48 15.57 -7.69
N GLY A 261 -11.06 16.80 -7.98
CA GLY A 261 -10.33 17.55 -6.98
C GLY A 261 -9.04 18.21 -7.45
N VAL A 262 -8.62 19.23 -6.71
CA VAL A 262 -7.40 19.95 -7.02
C VAL A 262 -6.56 20.01 -5.76
N MET A 263 -5.27 19.72 -5.89
CA MET A 263 -4.36 19.72 -4.76
C MET A 263 -4.24 21.07 -4.05
N LYS A 264 -4.19 21.02 -2.72
CA LYS A 264 -4.05 22.22 -1.90
C LYS A 264 -3.15 21.95 -0.70
N SER A 265 -2.43 22.97 -0.27
CA SER A 265 -1.54 22.84 0.87
C SER A 265 -2.37 22.37 2.05
N GLY A 266 -1.96 21.25 2.66
CA GLY A 266 -2.70 20.73 3.79
C GLY A 266 -3.38 19.41 3.49
N HIS A 267 -3.45 19.07 2.20
CA HIS A 267 -4.05 17.81 1.76
C HIS A 267 -3.07 16.67 2.01
N VAL A 268 -3.59 15.50 2.39
CA VAL A 268 -2.73 14.33 2.61
C VAL A 268 -3.37 13.14 1.88
N PHE A 269 -2.58 12.48 1.05
CA PHE A 269 -3.10 11.35 0.29
C PHE A 269 -1.97 10.43 -0.14
N THR A 270 -2.31 9.30 -0.73
CA THR A 270 -1.30 8.37 -1.17
C THR A 270 -1.29 8.24 -2.68
N ILE A 271 -0.14 7.83 -3.19
CA ILE A 271 0.01 7.49 -4.60
C ILE A 271 0.59 6.07 -4.46
N GLU A 272 -0.04 5.08 -5.08
CA GLU A 272 0.41 3.69 -4.93
C GLU A 272 0.19 2.88 -6.19
N PRO A 273 0.84 3.29 -7.28
CA PRO A 273 0.68 2.59 -8.54
C PRO A 273 1.02 1.09 -8.58
N MET A 274 0.12 0.32 -9.18
CA MET A 274 0.29 -1.12 -9.36
C MET A 274 0.48 -1.29 -10.87
N ILE A 275 1.63 -1.81 -11.25
CA ILE A 275 2.01 -1.98 -12.67
C ILE A 275 2.14 -3.47 -13.01
N CYS A 276 1.71 -3.86 -14.22
CA CYS A 276 1.75 -5.27 -14.62
C CYS A 276 2.56 -5.59 -15.86
N GLU A 277 3.13 -6.80 -15.90
CA GLU A 277 3.92 -7.26 -17.05
C GLU A 277 3.03 -7.45 -18.27
N GLY A 278 1.84 -8.01 -18.03
CA GLY A 278 0.90 -8.25 -19.11
C GLY A 278 -0.24 -7.25 -19.11
N GLY A 279 -1.46 -7.76 -19.12
CA GLY A 279 -2.63 -6.90 -19.13
C GLY A 279 -2.92 -6.31 -17.77
N TRP A 280 -3.82 -5.33 -17.73
CA TRP A 280 -4.16 -4.65 -16.48
C TRP A 280 -5.34 -5.28 -15.76
N GLN A 281 -6.06 -6.18 -16.42
CA GLN A 281 -7.23 -6.83 -15.83
C GLN A 281 -6.91 -7.53 -14.52
N ASP A 282 -7.79 -7.34 -13.53
CA ASP A 282 -7.62 -7.96 -12.22
C ASP A 282 -8.88 -8.73 -11.84
N GLU A 283 -8.70 -9.70 -10.94
CA GLU A 283 -9.82 -10.48 -10.42
C GLU A 283 -9.48 -10.85 -8.99
N THR A 284 -10.51 -11.16 -8.21
CA THR A 284 -10.32 -11.49 -6.81
C THR A 284 -10.48 -12.97 -6.47
N TRP A 285 -9.59 -13.47 -5.60
CA TRP A 285 -9.64 -14.84 -5.15
C TRP A 285 -10.87 -15.08 -4.30
N PRO A 286 -11.22 -16.35 -4.07
CA PRO A 286 -12.39 -16.67 -3.25
C PRO A 286 -12.31 -16.12 -1.84
N ASP A 287 -11.09 -15.80 -1.37
CA ASP A 287 -10.96 -15.28 -0.02
C ASP A 287 -11.56 -13.88 0.11
N GLY A 288 -11.96 -13.30 -1.02
CA GLY A 288 -12.57 -11.99 -1.03
C GLY A 288 -11.62 -10.80 -0.98
N TRP A 289 -10.33 -11.08 -0.91
CA TRP A 289 -9.32 -10.03 -0.81
C TRP A 289 -8.19 -10.04 -1.84
N THR A 290 -7.56 -11.19 -2.01
CA THR A 290 -6.42 -11.28 -2.90
C THR A 290 -6.75 -10.92 -4.34
N ALA A 291 -6.18 -9.83 -4.82
CA ALA A 291 -6.39 -9.37 -6.19
C ALA A 291 -5.21 -9.85 -7.02
N VAL A 292 -5.51 -10.50 -8.15
CA VAL A 292 -4.45 -11.04 -8.99
C VAL A 292 -4.68 -10.63 -10.43
N THR A 293 -3.62 -10.67 -11.23
CA THR A 293 -3.76 -10.35 -12.65
C THR A 293 -4.54 -11.50 -13.27
N ARG A 294 -5.47 -11.18 -14.16
CA ARG A 294 -6.26 -12.22 -14.80
C ARG A 294 -5.40 -13.10 -15.72
N ASP A 295 -4.30 -12.56 -16.23
CA ASP A 295 -3.43 -13.36 -17.10
C ASP A 295 -2.30 -14.08 -16.36
N GLY A 296 -2.25 -13.91 -15.04
CA GLY A 296 -1.24 -14.57 -14.25
C GLY A 296 0.18 -14.05 -14.34
N LYS A 297 0.37 -12.90 -14.98
CA LYS A 297 1.70 -12.31 -15.10
C LYS A 297 1.97 -11.51 -13.83
N ARG A 298 3.20 -11.07 -13.65
CA ARG A 298 3.58 -10.34 -12.43
C ARG A 298 3.15 -8.88 -12.34
N SER A 299 3.03 -8.41 -11.09
CA SER A 299 2.64 -7.03 -10.84
C SER A 299 3.49 -6.52 -9.67
N ALA A 300 3.84 -5.23 -9.72
CA ALA A 300 4.64 -4.61 -8.66
C ALA A 300 3.98 -3.30 -8.24
N GLN A 301 4.28 -2.85 -7.02
CA GLN A 301 3.69 -1.63 -6.50
C GLN A 301 4.62 -0.92 -5.51
N PHE A 302 4.48 0.39 -5.43
CA PHE A 302 5.22 1.19 -4.46
C PHE A 302 4.22 2.23 -3.98
N GLU A 303 4.37 2.70 -2.75
CA GLU A 303 3.43 3.67 -2.20
C GLU A 303 4.05 4.56 -1.14
N HIS A 304 3.62 5.82 -1.12
CA HIS A 304 4.04 6.77 -0.11
C HIS A 304 2.80 7.57 0.29
N THR A 305 2.80 8.10 1.51
CA THR A 305 1.72 8.98 1.97
C THR A 305 2.36 10.37 1.82
N LEU A 306 1.63 11.29 1.19
CA LEU A 306 2.14 12.63 0.91
C LEU A 306 1.34 13.75 1.55
N LEU A 307 2.05 14.82 1.87
CA LEU A 307 1.42 16.02 2.45
C LEU A 307 1.76 17.16 1.51
N VAL A 308 0.73 17.73 0.88
CA VAL A 308 0.96 18.84 -0.04
C VAL A 308 1.34 20.09 0.76
N THR A 309 2.41 20.75 0.31
CA THR A 309 2.92 21.95 0.97
C THR A 309 2.87 23.09 -0.03
N ASP A 310 3.31 24.28 0.39
CA ASP A 310 3.27 25.43 -0.52
C ASP A 310 4.28 25.31 -1.66
N THR A 311 5.36 24.57 -1.44
CA THR A 311 6.39 24.41 -2.46
C THR A 311 6.33 23.09 -3.24
N GLY A 312 5.47 22.18 -2.78
CA GLY A 312 5.35 20.89 -3.43
C GLY A 312 4.71 19.91 -2.47
N CYS A 313 5.49 18.96 -1.97
CA CYS A 313 4.94 18.02 -1.01
C CYS A 313 6.01 17.38 -0.16
N GLU A 314 5.57 16.92 1.01
CA GLU A 314 6.42 16.29 1.98
C GLU A 314 6.11 14.79 1.90
N ILE A 315 7.13 13.98 1.69
CA ILE A 315 6.92 12.52 1.62
C ILE A 315 7.00 12.05 3.07
N LEU A 316 5.84 11.89 3.70
CA LEU A 316 5.78 11.53 5.11
C LEU A 316 6.33 10.17 5.45
N THR A 317 6.32 9.25 4.49
CA THR A 317 6.78 7.88 4.71
C THR A 317 8.16 7.60 4.13
N ARG A 318 8.92 8.65 3.85
CA ARG A 318 10.25 8.52 3.28
C ARG A 318 11.17 7.72 4.19
N ARG A 319 12.17 7.07 3.60
CA ARG A 319 13.17 6.33 4.37
C ARG A 319 14.11 7.44 4.82
N LEU A 320 14.56 7.26 6.14
CA LEU A 320 15.38 8.29 6.75
C LEU A 320 16.88 7.97 6.74
N ASP A 321 17.21 6.67 6.79
CA ASP A 321 18.60 6.23 6.81
C ASP A 321 19.16 5.83 5.45
N SER A 322 18.46 6.20 4.38
CA SER A 322 18.90 5.87 3.03
C SER A 322 18.09 6.65 2.01
N ALA A 323 18.73 7.06 0.93
CA ALA A 323 18.04 7.83 -0.10
C ALA A 323 17.27 6.96 -1.08
N ARG A 324 17.43 5.64 -0.98
CA ARG A 324 16.77 4.73 -1.90
C ARG A 324 15.95 3.60 -1.29
N PRO A 325 15.01 3.04 -2.06
CA PRO A 325 14.16 1.94 -1.59
C PRO A 325 15.02 0.68 -1.48
N HIS A 326 14.56 -0.28 -0.69
CA HIS A 326 15.30 -1.51 -0.46
C HIS A 326 15.74 -2.33 -1.67
N PHE A 327 14.95 -2.34 -2.73
CA PHE A 327 15.31 -3.17 -3.89
C PHE A 327 16.60 -2.77 -4.59
N MET A 328 17.02 -1.52 -4.48
CA MET A 328 18.27 -1.14 -5.12
C MET A 328 19.11 -1.44 -4.21
N SER A 329 19.23 -2.00 -3.24
CA SER A 329 20.36 -2.40 -2.42
C SER A 329 21.13 -3.52 -3.12
#